data_1TY4
#
_entry.id   1TY4
#
_cell.length_a   93.713
_cell.length_b   93.713
_cell.length_c   57.447
_cell.angle_alpha   90.00
_cell.angle_beta   90.00
_cell.angle_gamma   90.00
#
_symmetry.space_group_name_H-M   'P 43'
#
loop_
_entity.id
_entity.type
_entity.pdbx_description
1 polymer 'Apoptosis regulator ced-9'
2 polymer 'EGg Laying defective EGL-1, programmed cell death activator'
3 water water
#
loop_
_entity_poly.entity_id
_entity_poly.type
_entity_poly.pdbx_seq_one_letter_code
_entity_poly.pdbx_strand_id
1 'polypeptide(L)'
;GKINDWEEPRLDIEGFVVDYFTHRIRQNG(MSE)EWFGAPGLPCGVQPEHE(MSE)(MSE)RV(MSE)GTIFEKKHAENF
ETFCEQLLAVPRISFSPYQDVVRTVGNAQTDQCP(MSE)SYGRLIGLISFGGFVAAK(MSE)(MSE)ESVELQGQVRNLF
VYTSLFIKTRIRNNWKEHNRSWDDF(MSE)TLGKQ(MSE)KEDYER
;
A,B
2 'polypeptide(L)' DSSQFADDSGFFDDSEISSIGYEIGSKLAA(MSE)CDDFDAQ(MSE)(MSE)SYSAHASDRSLFHRLLD C,D
#
# COMPACT_ATOMS: atom_id res chain seq x y z
N GLU A 7 13.54 12.28 -26.61
CA GLU A 7 12.19 11.69 -26.82
C GLU A 7 12.12 10.90 -28.13
N GLU A 8 12.44 9.62 -28.06
CA GLU A 8 12.41 8.75 -29.22
C GLU A 8 10.97 8.66 -29.74
N PRO A 9 10.74 8.94 -31.03
CA PRO A 9 9.39 8.87 -31.60
C PRO A 9 8.76 7.51 -31.30
N ARG A 10 9.65 6.53 -31.14
CA ARG A 10 9.29 5.15 -30.85
C ARG A 10 8.54 5.04 -29.52
N LEU A 11 8.84 5.94 -28.59
CA LEU A 11 8.24 5.89 -27.27
C LEU A 11 7.14 6.94 -27.04
N ASP A 12 6.56 7.46 -28.11
CA ASP A 12 5.51 8.47 -27.97
C ASP A 12 4.33 7.92 -27.18
N ILE A 13 3.90 8.68 -26.19
CA ILE A 13 2.78 8.30 -25.33
C ILE A 13 1.56 7.80 -26.09
N GLU A 14 1.15 8.53 -27.13
CA GLU A 14 -0.01 8.14 -27.92
C GLU A 14 0.15 6.70 -28.36
N GLY A 15 1.38 6.30 -28.64
CA GLY A 15 1.66 4.94 -29.06
C GLY A 15 1.35 3.95 -27.97
N PHE A 16 1.67 4.29 -26.72
CA PHE A 16 1.37 3.38 -25.61
C PHE A 16 -0.13 3.23 -25.40
N VAL A 17 -0.84 4.35 -25.47
CA VAL A 17 -2.29 4.30 -25.28
C VAL A 17 -2.96 3.47 -26.37
N VAL A 18 -2.61 3.75 -27.62
CA VAL A 18 -3.19 3.03 -28.74
C VAL A 18 -2.93 1.53 -28.65
N ASP A 19 -1.68 1.15 -28.39
CA ASP A 19 -1.38 -0.28 -28.29
C ASP A 19 -2.13 -0.95 -27.15
N TYR A 20 -2.14 -0.34 -25.98
CA TYR A 20 -2.84 -0.95 -24.86
C TYR A 20 -4.35 -1.01 -25.12
N PHE A 21 -4.95 0.10 -25.55
CA PHE A 21 -6.39 0.11 -25.83
C PHE A 21 -6.71 -0.98 -26.85
N THR A 22 -5.89 -1.09 -27.89
CA THR A 22 -6.11 -2.11 -28.91
C THR A 22 -6.02 -3.50 -28.29
N HIS A 23 -5.01 -3.68 -27.44
CA HIS A 23 -4.80 -4.95 -26.76
C HIS A 23 -6.01 -5.31 -25.90
N ARG A 24 -6.45 -4.37 -25.08
CA ARG A 24 -7.59 -4.63 -24.20
C ARG A 24 -8.88 -4.90 -24.96
N ILE A 25 -9.10 -4.16 -26.05
CA ILE A 25 -10.31 -4.37 -26.85
C ILE A 25 -10.27 -5.78 -27.45
N ARG A 26 -9.13 -6.17 -28.00
CA ARG A 26 -9.00 -7.50 -28.60
C ARG A 26 -9.15 -8.59 -27.54
N GLN A 27 -8.69 -8.31 -26.33
CA GLN A 27 -8.78 -9.27 -25.23
C GLN A 27 -10.25 -9.46 -24.87
N ASN A 28 -11.11 -8.55 -25.32
CA ASN A 28 -12.53 -8.61 -25.03
C ASN A 28 -13.26 -9.33 -26.16
N GLY A 29 -12.51 -10.01 -27.01
CA GLY A 29 -13.11 -10.75 -28.11
C GLY A 29 -13.36 -9.94 -29.38
N GLU A 31 -12.12 -6.51 -32.23
CA GLU A 31 -11.04 -5.94 -33.01
C GLU A 31 -11.31 -4.45 -33.12
N TRP A 32 -10.29 -3.62 -32.89
CA TRP A 32 -10.48 -2.17 -33.02
C TRP A 32 -10.11 -1.80 -34.45
N PHE A 33 -11.12 -1.46 -35.25
CA PHE A 33 -10.89 -1.09 -36.63
C PHE A 33 -10.64 0.40 -36.80
N GLY A 34 -10.72 1.15 -35.70
CA GLY A 34 -10.49 2.57 -35.75
C GLY A 34 -9.15 2.93 -35.14
N ALA A 35 -8.39 1.90 -34.79
CA ALA A 35 -7.07 2.07 -34.18
C ALA A 35 -6.09 2.68 -35.15
N PRO A 36 -5.54 3.86 -34.81
CA PRO A 36 -4.56 4.44 -35.73
C PRO A 36 -3.36 3.51 -35.77
N GLY A 37 -2.47 3.72 -36.73
CA GLY A 37 -1.31 2.86 -36.81
C GLY A 37 -0.14 3.25 -35.93
N LEU A 38 0.69 2.27 -35.63
CA LEU A 38 1.90 2.49 -34.84
C LEU A 38 3.01 2.42 -35.88
N PRO A 39 3.49 3.58 -36.35
CA PRO A 39 4.56 3.62 -37.35
C PRO A 39 5.74 2.70 -37.11
N CYS A 40 6.18 2.61 -35.85
CA CYS A 40 7.34 1.78 -35.50
C CYS A 40 7.02 0.34 -35.10
N GLY A 41 5.73 0.00 -35.00
CA GLY A 41 5.35 -1.34 -34.62
C GLY A 41 5.32 -1.55 -33.11
N VAL A 42 5.00 -2.77 -32.68
CA VAL A 42 4.93 -3.10 -31.26
C VAL A 42 6.29 -3.15 -30.57
N GLN A 43 6.50 -2.25 -29.61
CA GLN A 43 7.75 -2.17 -28.88
C GLN A 43 7.76 -3.06 -27.63
N PRO A 44 8.95 -3.32 -27.08
CA PRO A 44 9.03 -4.16 -25.88
C PRO A 44 8.48 -3.37 -24.69
N GLU A 45 8.61 -2.04 -24.75
CA GLU A 45 8.08 -1.21 -23.68
C GLU A 45 6.56 -1.36 -23.70
N HIS A 46 5.98 -1.50 -24.89
CA HIS A 46 4.53 -1.68 -25.03
C HIS A 46 4.06 -3.01 -24.43
N GLU A 47 4.82 -4.06 -24.66
CA GLU A 47 4.46 -5.38 -24.15
C GLU A 47 4.51 -5.42 -22.63
N ARG A 50 1.43 -3.70 -21.33
CA ARG A 50 0.32 -4.64 -21.42
C ARG A 50 0.26 -5.52 -20.16
N VAL A 51 1.43 -5.99 -19.72
CA VAL A 51 1.50 -6.83 -18.54
C VAL A 51 1.11 -6.04 -17.28
N GLY A 53 -0.61 -3.37 -17.06
CA GLY A 53 -2.01 -3.04 -17.16
C GLY A 53 -2.93 -4.18 -16.78
N THR A 54 -2.56 -5.39 -17.18
CA THR A 54 -3.35 -6.58 -16.89
C THR A 54 -3.30 -6.87 -15.38
N ILE A 55 -2.11 -6.76 -14.81
CA ILE A 55 -1.94 -6.99 -13.37
C ILE A 55 -2.77 -5.97 -12.62
N PHE A 56 -2.68 -4.71 -13.03
CA PHE A 56 -3.42 -3.65 -12.37
C PHE A 56 -4.93 -3.90 -12.38
N GLU A 57 -5.46 -4.28 -13.54
CA GLU A 57 -6.89 -4.53 -13.67
C GLU A 57 -7.39 -5.69 -12.83
N LYS A 58 -6.62 -6.78 -12.79
CA LYS A 58 -7.02 -7.95 -12.03
C LYS A 58 -7.16 -7.61 -10.54
N LYS A 59 -6.30 -6.73 -10.06
CA LYS A 59 -6.34 -6.32 -8.66
C LYS A 59 -7.61 -5.54 -8.31
N HIS A 60 -8.08 -4.74 -9.25
CA HIS A 60 -9.23 -3.88 -9.01
C HIS A 60 -10.41 -4.10 -9.97
N ALA A 61 -10.48 -5.30 -10.55
CA ALA A 61 -11.55 -5.63 -11.50
C ALA A 61 -12.96 -5.20 -11.06
N GLU A 62 -13.33 -5.56 -9.84
CA GLU A 62 -14.66 -5.25 -9.32
C GLU A 62 -14.89 -3.73 -9.27
N ASN A 63 -13.88 -3.00 -8.80
CA ASN A 63 -13.96 -1.55 -8.73
C ASN A 63 -14.11 -0.95 -10.12
N PHE A 64 -13.34 -1.48 -11.08
CA PHE A 64 -13.41 -0.98 -12.46
C PHE A 64 -14.84 -1.13 -12.97
N GLU A 65 -15.47 -2.25 -12.62
CA GLU A 65 -16.83 -2.52 -13.07
C GLU A 65 -17.79 -1.48 -12.50
N THR A 66 -17.63 -1.18 -11.22
CA THR A 66 -18.46 -0.20 -10.52
C THR A 66 -18.23 1.20 -11.09
N PHE A 67 -16.96 1.54 -11.34
CA PHE A 67 -16.64 2.86 -11.90
C PHE A 67 -17.38 3.05 -13.23
N CYS A 68 -17.37 2.01 -14.06
CA CYS A 68 -18.04 2.06 -15.35
C CYS A 68 -19.54 2.32 -15.19
N GLU A 69 -20.16 1.59 -14.27
CA GLU A 69 -21.58 1.73 -13.99
C GLU A 69 -21.91 3.15 -13.55
N GLN A 70 -21.09 3.72 -12.66
CA GLN A 70 -21.32 5.08 -12.19
C GLN A 70 -21.16 6.09 -13.33
N LEU A 71 -20.21 5.85 -14.22
CA LEU A 71 -19.97 6.75 -15.34
C LEU A 71 -21.16 6.68 -16.31
N LEU A 72 -21.78 5.52 -16.40
CA LEU A 72 -22.95 5.33 -17.26
C LEU A 72 -24.20 5.96 -16.67
N ALA A 73 -24.14 6.34 -15.40
CA ALA A 73 -25.29 6.95 -14.74
C ALA A 73 -25.29 8.47 -14.90
N VAL A 74 -24.25 8.99 -15.54
CA VAL A 74 -24.19 10.43 -15.76
C VAL A 74 -25.13 10.73 -16.92
N PRO A 75 -26.06 11.68 -16.74
CA PRO A 75 -27.02 12.05 -17.77
C PRO A 75 -26.40 12.28 -19.15
N ARG A 76 -26.96 11.63 -20.17
CA ARG A 76 -26.48 11.74 -21.55
C ARG A 76 -25.14 11.06 -21.77
N ILE A 77 -24.63 10.45 -20.69
CA ILE A 77 -23.34 9.77 -20.72
C ILE A 77 -22.28 10.70 -21.29
N SER A 78 -22.20 11.88 -20.67
CA SER A 78 -21.25 12.91 -21.04
C SER A 78 -19.80 12.44 -20.86
N PHE A 79 -18.86 13.10 -21.54
CA PHE A 79 -17.46 12.72 -21.45
C PHE A 79 -16.70 13.46 -20.34
N SER A 80 -17.20 14.62 -19.93
CA SER A 80 -16.49 15.42 -18.93
C SER A 80 -16.23 14.73 -17.59
N PRO A 81 -17.18 13.92 -17.09
CA PRO A 81 -16.86 13.26 -15.81
C PRO A 81 -15.63 12.35 -15.89
N TYR A 82 -15.39 11.77 -17.07
CA TYR A 82 -14.22 10.92 -17.24
C TYR A 82 -12.97 11.82 -17.20
N GLN A 83 -13.08 13.01 -17.79
CA GLN A 83 -11.95 13.93 -17.76
C GLN A 83 -11.69 14.27 -16.30
N ASP A 84 -12.75 14.40 -15.51
CA ASP A 84 -12.60 14.70 -14.09
C ASP A 84 -11.82 13.56 -13.42
N VAL A 85 -12.09 12.33 -13.83
CA VAL A 85 -11.37 11.19 -13.26
C VAL A 85 -9.87 11.35 -13.52
N VAL A 86 -9.52 11.45 -14.80
CA VAL A 86 -8.15 11.57 -15.23
C VAL A 86 -7.42 12.77 -14.61
N ARG A 87 -8.07 13.94 -14.63
CA ARG A 87 -7.45 15.14 -14.08
C ARG A 87 -7.20 14.98 -12.59
N THR A 88 -8.14 14.33 -11.90
CA THR A 88 -8.01 14.12 -10.47
C THR A 88 -6.83 13.23 -10.15
N VAL A 89 -6.61 12.19 -10.96
CA VAL A 89 -5.48 11.31 -10.71
C VAL A 89 -4.17 12.07 -10.86
N GLY A 90 -4.08 12.88 -11.90
CA GLY A 90 -2.87 13.65 -12.14
C GLY A 90 -2.61 14.74 -11.13
N ASN A 91 -3.66 15.23 -10.47
CA ASN A 91 -3.50 16.29 -9.46
C ASN A 91 -3.68 15.80 -8.07
N ALA A 92 -3.88 14.50 -7.90
CA ALA A 92 -3.94 13.97 -6.56
C ALA A 92 -2.61 14.60 -6.12
N GLN A 93 -2.30 14.49 -4.84
CA GLN A 93 -1.11 15.16 -4.37
C GLN A 93 -0.08 14.11 -3.99
N THR A 94 1.22 14.42 -4.09
CA THR A 94 2.28 13.46 -3.75
C THR A 94 3.62 14.18 -3.59
N ASP A 95 4.57 13.53 -2.93
CA ASP A 95 5.90 14.11 -2.74
C ASP A 95 6.86 13.59 -3.81
N GLN A 96 6.29 13.06 -4.88
CA GLN A 96 7.07 12.52 -6.00
C GLN A 96 6.52 12.99 -7.33
N CYS A 97 6.76 12.19 -8.36
CA CYS A 97 6.29 12.47 -9.70
C CYS A 97 4.76 12.37 -9.76
N PRO A 98 4.08 13.47 -10.11
CA PRO A 98 2.62 13.45 -10.19
C PRO A 98 2.16 12.39 -11.19
N SER A 100 3.67 9.21 -11.75
CA SER A 100 4.52 8.08 -11.41
C SER A 100 4.16 6.89 -12.30
N TYR A 101 4.99 5.85 -12.29
CA TYR A 101 4.68 4.70 -13.12
C TYR A 101 3.29 4.14 -12.72
N GLY A 102 2.97 4.21 -11.43
CA GLY A 102 1.69 3.72 -10.95
C GLY A 102 0.48 4.46 -11.51
N ARG A 103 0.57 5.78 -11.58
CA ARG A 103 -0.53 6.57 -12.10
C ARG A 103 -0.63 6.40 -13.62
N LEU A 104 0.52 6.25 -14.27
CA LEU A 104 0.57 6.04 -15.70
C LEU A 104 -0.15 4.72 -16.00
N ILE A 105 0.24 3.67 -15.29
CA ILE A 105 -0.34 2.35 -15.48
C ILE A 105 -1.84 2.35 -15.12
N GLY A 106 -2.19 3.04 -14.04
CA GLY A 106 -3.57 3.11 -13.61
C GLY A 106 -4.47 3.76 -14.65
N LEU A 107 -4.03 4.89 -15.19
CA LEU A 107 -4.78 5.63 -16.19
C LEU A 107 -4.91 4.84 -17.50
N ILE A 108 -3.83 4.20 -17.93
CA ILE A 108 -3.89 3.46 -19.17
C ILE A 108 -4.69 2.16 -18.97
N SER A 109 -4.55 1.53 -17.81
CA SER A 109 -5.29 0.29 -17.54
C SER A 109 -6.80 0.57 -17.46
N PHE A 110 -7.20 1.61 -16.73
CA PHE A 110 -8.62 1.93 -16.62
C PHE A 110 -9.17 2.40 -17.97
N GLY A 111 -8.42 3.28 -18.63
CA GLY A 111 -8.84 3.79 -19.93
C GLY A 111 -9.03 2.67 -20.94
N GLY A 112 -8.17 1.67 -20.89
CA GLY A 112 -8.29 0.54 -21.81
C GLY A 112 -9.52 -0.29 -21.45
N PHE A 113 -9.77 -0.43 -20.16
CA PHE A 113 -10.94 -1.18 -19.69
C PHE A 113 -12.20 -0.50 -20.23
N VAL A 114 -12.27 0.82 -20.06
CA VAL A 114 -13.41 1.58 -20.52
C VAL A 114 -13.55 1.50 -22.04
N ALA A 115 -12.43 1.56 -22.75
CA ALA A 115 -12.45 1.49 -24.20
C ALA A 115 -13.07 0.18 -24.66
N ALA A 116 -12.68 -0.91 -24.01
CA ALA A 116 -13.22 -2.23 -24.35
C ALA A 116 -14.72 -2.31 -24.11
N LYS A 117 -15.20 -1.71 -23.02
CA LYS A 117 -16.63 -1.74 -22.73
C LYS A 117 -17.43 -0.88 -23.70
N GLU A 120 -18.48 -2.30 -27.10
CA GLU A 120 -19.58 -3.25 -27.11
C GLU A 120 -20.91 -2.54 -27.35
N SER A 121 -20.83 -1.24 -27.56
CA SER A 121 -22.01 -0.41 -27.79
C SER A 121 -21.80 0.52 -28.96
N VAL A 122 -22.52 0.28 -30.05
CA VAL A 122 -22.40 1.11 -31.24
C VAL A 122 -22.67 2.58 -30.92
N GLU A 123 -23.55 2.83 -29.97
CA GLU A 123 -23.92 4.19 -29.57
C GLU A 123 -22.79 4.93 -28.86
N LEU A 124 -21.87 4.18 -28.24
CA LEU A 124 -20.75 4.78 -27.53
C LEU A 124 -19.44 4.79 -28.33
N GLN A 125 -19.40 4.04 -29.43
CA GLN A 125 -18.20 3.93 -30.25
C GLN A 125 -17.61 5.27 -30.69
N GLY A 126 -18.47 6.23 -30.99
CA GLY A 126 -17.99 7.53 -31.40
C GLY A 126 -17.11 8.19 -30.34
N GLN A 127 -17.48 8.03 -29.08
CA GLN A 127 -16.71 8.65 -28.00
C GLN A 127 -15.40 7.97 -27.69
N VAL A 128 -15.12 6.86 -28.35
CA VAL A 128 -13.87 6.18 -28.12
C VAL A 128 -12.72 7.08 -28.60
N ARG A 129 -12.96 7.86 -29.65
CA ARG A 129 -11.90 8.76 -30.12
C ARG A 129 -11.59 9.77 -29.01
N ASN A 130 -12.63 10.28 -28.35
CA ASN A 130 -12.40 11.24 -27.26
C ASN A 130 -11.55 10.58 -26.19
N LEU A 131 -11.93 9.36 -25.82
CA LEU A 131 -11.24 8.59 -24.80
C LEU A 131 -9.74 8.46 -25.03
N PHE A 132 -9.32 8.00 -26.21
CA PHE A 132 -7.89 7.84 -26.43
C PHE A 132 -7.13 9.12 -26.75
N VAL A 133 -7.74 10.07 -27.44
CA VAL A 133 -7.04 11.33 -27.73
C VAL A 133 -6.80 12.09 -26.44
N TYR A 134 -7.86 12.23 -25.64
CA TYR A 134 -7.75 12.95 -24.39
C TYR A 134 -6.81 12.29 -23.37
N THR A 135 -6.92 10.97 -23.25
CA THR A 135 -6.08 10.24 -22.31
C THR A 135 -4.61 10.41 -22.69
N SER A 136 -4.34 10.29 -23.98
CA SER A 136 -2.98 10.43 -24.47
C SER A 136 -2.45 11.86 -24.26
N LEU A 137 -3.23 12.85 -24.65
CA LEU A 137 -2.81 14.24 -24.51
C LEU A 137 -2.58 14.65 -23.06
N PHE A 138 -3.46 14.19 -22.18
CA PHE A 138 -3.32 14.54 -20.78
C PHE A 138 -2.02 13.97 -20.24
N ILE A 139 -1.81 12.67 -20.46
CA ILE A 139 -0.60 12.04 -19.98
C ILE A 139 0.63 12.72 -20.58
N LYS A 140 0.59 13.02 -21.88
CA LYS A 140 1.71 13.68 -22.54
C LYS A 140 2.07 15.00 -21.89
N THR A 141 1.08 15.89 -21.77
CA THR A 141 1.31 17.19 -21.16
C THR A 141 1.88 17.02 -19.75
N ARG A 142 1.51 15.93 -19.09
CA ARG A 142 1.97 15.69 -17.73
C ARG A 142 3.32 14.98 -17.62
N ILE A 143 3.58 13.99 -18.46
CA ILE A 143 4.83 13.23 -18.36
C ILE A 143 6.17 13.97 -18.32
N ARG A 144 6.57 14.71 -19.35
CA ARG A 144 7.85 15.41 -19.20
C ARG A 144 7.76 16.91 -18.95
N ASN A 145 8.54 17.30 -17.95
CA ASN A 145 8.58 18.64 -17.42
C ASN A 145 8.09 18.15 -16.07
N ASN A 146 8.18 16.82 -15.93
CA ASN A 146 7.73 16.12 -14.75
C ASN A 146 8.39 14.75 -14.48
N TRP A 147 9.12 14.21 -15.45
CA TRP A 147 9.79 12.91 -15.25
C TRP A 147 11.29 13.10 -15.10
N LYS A 148 11.86 13.97 -15.93
CA LYS A 148 13.28 14.26 -15.90
C LYS A 148 13.68 15.01 -14.64
N GLU A 149 12.72 15.26 -13.76
CA GLU A 149 12.99 15.98 -12.52
C GLU A 149 12.57 15.17 -11.29
N HIS A 150 12.24 13.91 -11.51
CA HIS A 150 11.84 13.01 -10.44
C HIS A 150 12.50 11.67 -10.69
N ASN A 151 13.58 11.72 -11.46
CA ASN A 151 14.37 10.55 -11.81
C ASN A 151 13.52 9.34 -12.18
N ARG A 152 12.73 9.51 -13.24
CA ARG A 152 11.88 8.44 -13.75
C ARG A 152 12.20 8.33 -15.23
N SER A 153 12.23 7.11 -15.74
CA SER A 153 12.53 6.90 -17.15
C SER A 153 11.98 5.55 -17.59
N TRP A 154 11.88 5.36 -18.90
CA TRP A 154 11.37 4.10 -19.42
C TRP A 154 12.28 2.94 -19.07
N ASP A 155 13.59 3.17 -19.09
CA ASP A 155 14.53 2.10 -18.73
C ASP A 155 14.25 1.61 -17.32
N ASP A 156 14.05 2.56 -16.41
CA ASP A 156 13.76 2.25 -15.01
C ASP A 156 12.41 1.53 -14.95
N PHE A 157 11.48 1.97 -15.79
CA PHE A 157 10.13 1.36 -15.85
C PHE A 157 10.31 -0.11 -16.20
N THR A 159 13.06 -2.10 -15.94
CA THR A 159 13.76 -2.86 -14.91
C THR A 159 12.82 -3.27 -13.78
N LEU A 160 12.17 -2.28 -13.17
CA LEU A 160 11.25 -2.56 -12.08
C LEU A 160 10.13 -3.46 -12.58
N GLY A 161 9.58 -3.12 -13.75
CA GLY A 161 8.50 -3.91 -14.32
C GLY A 161 8.88 -5.35 -14.60
N LYS A 162 10.12 -5.58 -15.01
CA LYS A 162 10.57 -6.93 -15.26
C LYS A 162 10.47 -7.72 -13.97
N GLN A 163 11.06 -7.17 -12.91
CA GLN A 163 11.06 -7.81 -11.60
C GLN A 163 9.65 -8.11 -11.08
N LYS A 165 6.90 -8.39 -12.81
CA LYS A 165 6.28 -9.36 -13.71
C LYS A 165 6.59 -10.79 -13.29
N GLU A 166 7.85 -11.04 -12.97
CA GLU A 166 8.28 -12.37 -12.57
C GLU A 166 7.56 -12.85 -11.31
N ASP A 167 7.47 -11.98 -10.30
CA ASP A 167 6.81 -12.34 -9.06
C ASP A 167 5.36 -12.77 -9.31
N TYR A 168 4.69 -12.09 -10.23
CA TYR A 168 3.31 -12.43 -10.52
C TYR A 168 3.18 -13.65 -11.41
N GLU A 169 4.26 -14.02 -12.10
CA GLU A 169 4.23 -15.19 -12.97
C GLU A 169 4.68 -16.42 -12.19
N ARG A 170 4.85 -16.24 -10.88
CA ARG A 170 5.25 -17.31 -9.96
C ARG A 170 6.69 -17.79 -10.19
N ASN B 4 4.00 -17.58 0.27
CA ASN B 4 3.88 -16.93 1.60
C ASN B 4 4.28 -15.47 1.50
N ASP B 5 3.27 -14.60 1.44
CA ASP B 5 3.50 -13.16 1.31
C ASP B 5 4.34 -12.52 2.42
N TRP B 6 4.41 -13.15 3.58
CA TRP B 6 5.22 -12.57 4.65
C TRP B 6 6.70 -12.80 4.41
N GLU B 7 7.02 -13.48 3.31
CA GLU B 7 8.41 -13.77 2.96
C GLU B 7 8.88 -12.79 1.89
N GLU B 8 7.97 -11.96 1.42
CA GLU B 8 8.31 -10.95 0.42
C GLU B 8 9.16 -9.85 1.04
N PRO B 9 10.34 -9.56 0.45
CA PRO B 9 11.20 -8.50 0.99
C PRO B 9 10.46 -7.18 1.20
N ARG B 10 9.43 -6.95 0.40
CA ARG B 10 8.64 -5.73 0.51
C ARG B 10 7.91 -5.70 1.85
N LEU B 11 7.46 -6.87 2.31
CA LEU B 11 6.73 -6.99 3.56
C LEU B 11 7.57 -7.40 4.76
N ASP B 12 8.88 -7.15 4.72
CA ASP B 12 9.74 -7.52 5.83
C ASP B 12 9.30 -6.82 7.11
N ILE B 13 9.14 -7.59 8.18
CA ILE B 13 8.73 -7.05 9.48
C ILE B 13 9.48 -5.78 9.92
N GLU B 14 10.79 -5.71 9.68
CA GLU B 14 11.56 -4.53 10.06
C GLU B 14 10.91 -3.28 9.50
N GLY B 15 10.39 -3.39 8.27
CA GLY B 15 9.74 -2.26 7.62
C GLY B 15 8.53 -1.77 8.41
N PHE B 16 7.68 -2.70 8.84
CA PHE B 16 6.50 -2.35 9.62
C PHE B 16 6.87 -1.66 10.93
N VAL B 17 7.85 -2.22 11.63
CA VAL B 17 8.27 -1.66 12.91
C VAL B 17 8.87 -0.27 12.77
N VAL B 18 9.78 -0.11 11.83
CA VAL B 18 10.40 1.20 11.61
C VAL B 18 9.34 2.23 11.22
N ASP B 19 8.47 1.87 10.27
CA ASP B 19 7.43 2.80 9.83
C ASP B 19 6.49 3.18 10.97
N TYR B 20 5.93 2.20 11.66
CA TYR B 20 5.02 2.49 12.74
C TYR B 20 5.69 3.30 13.85
N PHE B 21 6.88 2.88 14.29
CA PHE B 21 7.60 3.57 15.35
C PHE B 21 7.85 5.02 14.96
N THR B 22 8.26 5.23 13.70
CA THR B 22 8.53 6.58 13.20
C THR B 22 7.24 7.40 13.24
N HIS B 23 6.16 6.80 12.74
CA HIS B 23 4.86 7.43 12.72
C HIS B 23 4.40 7.83 14.13
N ARG B 24 4.51 6.89 15.08
CA ARG B 24 4.06 7.16 16.44
C ARG B 24 4.84 8.29 17.09
N ILE B 25 6.15 8.29 16.89
CA ILE B 25 7.00 9.33 17.47
C ILE B 25 6.56 10.68 16.91
N ARG B 26 6.34 10.76 15.60
CA ARG B 26 5.92 12.02 14.97
C ARG B 26 4.59 12.50 15.53
N GLN B 27 3.68 11.57 15.79
CA GLN B 27 2.37 11.91 16.33
C GLN B 27 2.56 12.64 17.66
N ASN B 28 3.70 12.38 18.30
CA ASN B 28 4.01 12.99 19.58
C ASN B 28 4.75 14.31 19.39
N GLY B 29 4.66 14.86 18.18
CA GLY B 29 5.31 16.12 17.88
C GLY B 29 6.82 16.10 17.77
N GLU B 31 10.56 14.55 15.58
CA GLU B 31 11.15 14.06 14.33
C GLU B 31 12.27 13.08 14.66
N TRP B 32 12.00 11.79 14.41
CA TRP B 32 13.01 10.77 14.69
C TRP B 32 14.11 10.82 13.63
N PHE B 33 15.18 11.53 13.94
CA PHE B 33 16.32 11.66 13.04
C PHE B 33 17.43 10.69 13.43
N GLY B 34 17.13 9.41 13.28
CA GLY B 34 18.08 8.36 13.62
C GLY B 34 17.43 7.05 13.20
N ALA B 35 16.31 7.21 12.49
CA ALA B 35 15.53 6.09 12.01
C ALA B 35 16.08 5.62 10.67
N PRO B 36 16.42 4.32 10.56
CA PRO B 36 16.94 3.86 9.28
C PRO B 36 15.87 4.14 8.21
N GLY B 37 16.27 4.08 6.95
CA GLY B 37 15.31 4.36 5.90
C GLY B 37 14.48 3.15 5.50
N LEU B 38 13.42 3.40 4.73
CA LEU B 38 12.56 2.33 4.24
C LEU B 38 13.09 2.00 2.85
N PRO B 39 13.93 0.97 2.74
CA PRO B 39 14.50 0.56 1.46
C PRO B 39 13.45 0.05 0.50
N CYS B 40 12.26 0.63 0.54
CA CYS B 40 11.20 0.21 -0.36
C CYS B 40 10.10 1.25 -0.38
N GLY B 41 10.12 2.12 0.62
CA GLY B 41 9.12 3.17 0.71
C GLY B 41 7.91 2.68 1.48
N VAL B 42 7.07 3.60 1.91
CA VAL B 42 5.86 3.25 2.66
C VAL B 42 4.91 2.43 1.79
N GLN B 43 4.43 1.31 2.34
CA GLN B 43 3.54 0.40 1.63
C GLN B 43 2.12 0.46 2.20
N PRO B 44 1.12 0.08 1.40
CA PRO B 44 -0.26 0.11 1.88
C PRO B 44 -0.44 -0.71 3.17
N GLU B 45 0.28 -1.81 3.30
CA GLU B 45 0.19 -2.62 4.50
C GLU B 45 0.71 -1.86 5.74
N HIS B 46 1.72 -1.00 5.57
CA HIS B 46 2.24 -0.20 6.69
C HIS B 46 1.14 0.78 7.07
N GLU B 47 0.49 1.34 6.04
CA GLU B 47 -0.59 2.30 6.20
C GLU B 47 -1.66 1.68 7.09
N ARG B 50 -0.60 1.33 10.74
CA ARG B 50 -0.69 2.58 11.47
C ARG B 50 -2.10 2.74 12.06
N VAL B 51 -3.10 2.34 11.29
CA VAL B 51 -4.49 2.45 11.74
C VAL B 51 -4.78 1.43 12.84
N GLY B 53 -2.76 0.08 14.76
CA GLY B 53 -2.01 0.46 15.95
C GLY B 53 -2.64 1.61 16.69
N THR B 54 -3.19 2.57 15.94
CA THR B 54 -3.83 3.73 16.53
C THR B 54 -5.08 3.29 17.28
N ILE B 55 -5.88 2.43 16.65
CA ILE B 55 -7.09 1.94 17.31
C ILE B 55 -6.74 1.12 18.57
N PHE B 56 -5.65 0.35 18.50
CA PHE B 56 -5.26 -0.47 19.65
C PHE B 56 -4.88 0.42 20.83
N GLU B 57 -4.09 1.46 20.56
CA GLU B 57 -3.66 2.35 21.63
C GLU B 57 -4.83 3.08 22.29
N LYS B 58 -5.70 3.68 21.47
CA LYS B 58 -6.84 4.41 22.00
C LYS B 58 -7.69 3.51 22.87
N LYS B 59 -7.79 2.24 22.51
CA LYS B 59 -8.56 1.29 23.29
C LYS B 59 -7.95 1.05 24.66
N HIS B 60 -6.62 1.19 24.77
CA HIS B 60 -5.94 0.93 26.04
C HIS B 60 -4.96 2.03 26.44
N ALA B 61 -5.28 3.27 26.11
CA ALA B 61 -4.42 4.40 26.41
C ALA B 61 -4.00 4.50 27.87
N GLU B 62 -4.96 4.32 28.77
CA GLU B 62 -4.69 4.39 30.20
C GLU B 62 -3.68 3.33 30.64
N ASN B 63 -3.91 2.09 30.24
CA ASN B 63 -3.01 0.98 30.59
C ASN B 63 -1.60 1.16 30.07
N PHE B 64 -1.47 1.65 28.82
CA PHE B 64 -0.15 1.87 28.24
C PHE B 64 0.62 2.81 29.15
N GLU B 65 -0.07 3.84 29.64
CA GLU B 65 0.55 4.83 30.51
C GLU B 65 1.05 4.17 31.78
N THR B 66 0.19 3.36 32.41
CA THR B 66 0.53 2.66 33.64
C THR B 66 1.69 1.70 33.38
N PHE B 67 1.64 0.98 32.25
CA PHE B 67 2.72 0.04 31.92
C PHE B 67 4.04 0.80 31.84
N CYS B 68 4.01 1.95 31.20
CA CYS B 68 5.22 2.76 31.06
C CYS B 68 5.77 3.14 32.41
N GLU B 69 4.88 3.51 33.31
CA GLU B 69 5.26 3.90 34.67
C GLU B 69 5.89 2.74 35.44
N GLN B 70 5.35 1.54 35.27
CA GLN B 70 5.89 0.38 35.96
C GLN B 70 7.28 0.05 35.40
N LEU B 71 7.47 0.20 34.10
CA LEU B 71 8.76 -0.09 33.49
C LEU B 71 9.81 0.92 33.98
N LEU B 72 9.39 2.16 34.16
CA LEU B 72 10.30 3.20 34.64
C LEU B 72 10.65 3.00 36.10
N ALA B 73 9.92 2.11 36.79
CA ALA B 73 10.20 1.85 38.20
C ALA B 73 11.23 0.75 38.41
N VAL B 74 11.59 0.06 37.34
CA VAL B 74 12.58 -1.01 37.41
C VAL B 74 13.98 -0.42 37.58
N PRO B 75 14.78 -0.93 38.54
CA PRO B 75 16.13 -0.43 38.80
C PRO B 75 16.99 -0.24 37.53
N ARG B 76 17.54 0.96 37.38
CA ARG B 76 18.40 1.32 36.26
C ARG B 76 17.63 1.41 34.94
N ILE B 77 16.32 1.21 35.00
CA ILE B 77 15.47 1.22 33.82
C ILE B 77 16.08 0.30 32.77
N SER B 78 16.34 -0.93 33.19
CA SER B 78 16.92 -1.96 32.34
C SER B 78 15.97 -2.35 31.20
N PHE B 79 16.53 -2.81 30.10
CA PHE B 79 15.74 -3.22 28.94
C PHE B 79 15.16 -4.64 29.09
N SER B 80 15.77 -5.47 29.94
CA SER B 80 15.33 -6.84 30.16
C SER B 80 13.84 -7.01 30.45
N PRO B 81 13.29 -6.21 31.37
CA PRO B 81 11.86 -6.37 31.63
C PRO B 81 10.99 -6.14 30.39
N TYR B 82 11.44 -5.29 29.46
CA TYR B 82 10.63 -5.07 28.27
C TYR B 82 10.63 -6.35 27.42
N GLN B 83 11.76 -7.06 27.40
CA GLN B 83 11.85 -8.30 26.64
C GLN B 83 10.89 -9.32 27.26
N ASP B 84 10.76 -9.29 28.60
CA ASP B 84 9.85 -10.18 29.29
C ASP B 84 8.42 -9.90 28.83
N VAL B 85 8.11 -8.62 28.61
CA VAL B 85 6.78 -8.28 28.14
C VAL B 85 6.55 -8.97 26.81
N VAL B 86 7.41 -8.65 25.85
CA VAL B 86 7.32 -9.20 24.50
C VAL B 86 7.28 -10.72 24.46
N ARG B 87 8.18 -11.36 25.20
CA ARG B 87 8.25 -12.82 25.23
C ARG B 87 6.97 -13.42 25.77
N THR B 88 6.42 -12.79 26.80
CA THR B 88 5.20 -13.27 27.43
C THR B 88 4.03 -13.22 26.45
N VAL B 89 3.92 -12.13 25.71
CA VAL B 89 2.84 -12.00 24.74
C VAL B 89 2.92 -13.11 23.69
N GLY B 90 4.14 -13.48 23.30
CA GLY B 90 4.31 -14.52 22.31
C GLY B 90 4.03 -15.92 22.84
N ASN B 91 4.42 -16.16 24.09
CA ASN B 91 4.22 -17.47 24.72
C ASN B 91 2.88 -17.65 25.43
N ALA B 92 2.05 -16.61 25.41
CA ALA B 92 0.73 -16.57 26.05
C ALA B 92 -0.17 -17.58 25.29
N GLN B 93 -0.60 -18.65 25.94
CA GLN B 93 -1.42 -19.64 25.24
C GLN B 93 -2.72 -19.31 24.50
N THR B 94 -2.96 -20.09 23.45
CA THR B 94 -4.16 -19.97 22.60
C THR B 94 -4.32 -21.22 21.73
N ASP B 95 -5.48 -21.37 21.09
CA ASP B 95 -5.71 -22.51 20.19
C ASP B 95 -5.62 -22.01 18.75
N GLN B 96 -5.07 -20.81 18.61
CA GLN B 96 -4.88 -20.18 17.30
C GLN B 96 -3.38 -19.92 17.14
N CYS B 97 -3.02 -18.94 16.32
CA CYS B 97 -1.60 -18.65 16.11
C CYS B 97 -0.94 -17.95 17.29
N PRO B 98 0.17 -18.50 17.80
CA PRO B 98 0.87 -17.89 18.93
C PRO B 98 1.21 -16.42 18.62
N SER B 100 -0.76 -14.10 16.50
CA SER B 100 -1.95 -13.72 15.75
C SER B 100 -1.84 -12.26 15.31
N TYR B 101 -2.78 -11.81 14.48
CA TYR B 101 -2.77 -10.43 14.02
C TYR B 101 -2.88 -9.52 15.23
N GLY B 102 -3.69 -9.94 16.20
CA GLY B 102 -3.89 -9.15 17.41
C GLY B 102 -2.62 -8.93 18.21
N ARG B 103 -1.86 -10.00 18.44
CA ARG B 103 -0.62 -9.90 19.20
C ARG B 103 0.40 -9.09 18.40
N LEU B 104 0.45 -9.34 17.09
CA LEU B 104 1.36 -8.60 16.23
C LEU B 104 1.09 -7.10 16.40
N ILE B 105 -0.18 -6.75 16.30
CA ILE B 105 -0.62 -5.37 16.41
C ILE B 105 -0.36 -4.81 17.82
N GLY B 106 -0.68 -5.60 18.83
CA GLY B 106 -0.45 -5.17 20.20
C GLY B 106 1.02 -4.90 20.48
N LEU B 107 1.89 -5.76 19.97
CA LEU B 107 3.33 -5.57 20.18
C LEU B 107 3.87 -4.33 19.47
N ILE B 108 3.43 -4.11 18.24
CA ILE B 108 3.91 -2.94 17.52
C ILE B 108 3.30 -1.66 18.08
N SER B 109 2.01 -1.72 18.45
CA SER B 109 1.35 -0.55 19.02
C SER B 109 2.00 -0.17 20.36
N PHE B 110 2.14 -1.13 21.27
CA PHE B 110 2.77 -0.81 22.55
C PHE B 110 4.21 -0.35 22.33
N GLY B 111 4.92 -1.06 21.45
CA GLY B 111 6.30 -0.69 21.18
C GLY B 111 6.43 0.71 20.63
N GLY B 112 5.51 1.10 19.75
CA GLY B 112 5.56 2.43 19.18
C GLY B 112 5.30 3.49 20.24
N PHE B 113 4.37 3.17 21.14
CA PHE B 113 4.03 4.09 22.24
C PHE B 113 5.26 4.29 23.11
N VAL B 114 5.88 3.19 23.52
CA VAL B 114 7.08 3.28 24.36
C VAL B 114 8.18 4.05 23.65
N ALA B 115 8.36 3.77 22.36
CA ALA B 115 9.39 4.49 21.60
C ALA B 115 9.12 6.00 21.65
N ALA B 116 7.87 6.38 21.48
CA ALA B 116 7.51 7.80 21.49
C ALA B 116 7.86 8.44 22.84
N LYS B 117 7.47 7.78 23.94
CA LYS B 117 7.78 8.32 25.26
C LYS B 117 9.28 8.39 25.55
N GLU B 120 11.26 11.35 24.47
CA GLU B 120 11.05 12.58 25.25
C GLU B 120 12.16 12.73 26.28
N SER B 121 13.05 11.75 26.35
CA SER B 121 14.15 11.77 27.30
C SER B 121 15.48 11.40 26.65
N VAL B 122 16.41 12.35 26.69
CA VAL B 122 17.75 12.16 26.12
C VAL B 122 18.41 10.92 26.70
N GLU B 123 18.30 10.79 28.02
CA GLU B 123 18.87 9.66 28.76
C GLU B 123 18.39 8.31 28.27
N LEU B 124 17.19 8.27 27.68
CA LEU B 124 16.61 7.02 27.20
C LEU B 124 16.77 6.76 25.70
N GLN B 125 17.08 7.80 24.94
CA GLN B 125 17.22 7.70 23.49
C GLN B 125 18.16 6.62 22.98
N GLY B 126 19.25 6.36 23.71
CA GLY B 126 20.17 5.34 23.28
C GLY B 126 19.50 3.97 23.21
N GLN B 127 18.69 3.66 24.22
CA GLN B 127 18.00 2.38 24.27
C GLN B 127 16.87 2.26 23.23
N VAL B 128 16.67 3.28 22.42
CA VAL B 128 15.64 3.18 21.40
C VAL B 128 16.08 2.17 20.33
N ARG B 129 17.39 2.04 20.12
CA ARG B 129 17.87 1.09 19.12
C ARG B 129 17.55 -0.32 19.60
N ASN B 130 17.71 -0.57 20.89
CA ASN B 130 17.38 -1.87 21.45
C ASN B 130 15.91 -2.18 21.20
N LEU B 131 15.06 -1.23 21.57
CA LEU B 131 13.61 -1.38 21.40
C LEU B 131 13.23 -1.81 19.99
N PHE B 132 13.67 -1.03 19.01
CA PHE B 132 13.39 -1.29 17.60
C PHE B 132 13.96 -2.63 17.09
N VAL B 133 15.23 -2.88 17.37
CA VAL B 133 15.88 -4.10 16.90
C VAL B 133 15.28 -5.35 17.51
N TYR B 134 15.14 -5.36 18.83
CA TYR B 134 14.59 -6.52 19.50
C TYR B 134 13.15 -6.84 19.09
N THR B 135 12.32 -5.81 19.03
CA THR B 135 10.91 -6.01 18.67
C THR B 135 10.82 -6.61 17.28
N SER B 136 11.61 -6.08 16.37
CA SER B 136 11.62 -6.55 14.99
C SER B 136 12.10 -8.01 14.89
N LEU B 137 13.20 -8.33 15.56
CA LEU B 137 13.73 -9.68 15.50
C LEU B 137 12.81 -10.69 16.17
N PHE B 138 12.20 -10.33 17.30
CA PHE B 138 11.28 -11.26 17.94
C PHE B 138 10.09 -11.60 17.05
N ILE B 139 9.39 -10.56 16.57
CA ILE B 139 8.23 -10.79 15.71
C ILE B 139 8.61 -11.55 14.44
N LYS B 140 9.80 -11.28 13.93
CA LYS B 140 10.30 -11.93 12.72
C LYS B 140 10.37 -13.44 12.91
N THR B 141 10.95 -13.89 14.01
CA THR B 141 11.06 -15.31 14.29
C THR B 141 9.70 -15.98 14.47
N ARG B 142 8.83 -15.38 15.28
CA ARG B 142 7.51 -15.95 15.55
C ARG B 142 6.60 -16.07 14.32
N ILE B 143 6.72 -15.16 13.37
CA ILE B 143 5.89 -15.25 12.18
C ILE B 143 6.41 -16.44 11.36
N ARG B 144 7.74 -16.57 11.31
CA ARG B 144 8.39 -17.63 10.58
C ARG B 144 7.87 -19.02 10.95
N ASN B 145 7.73 -19.27 12.24
CA ASN B 145 7.28 -20.57 12.74
C ASN B 145 5.81 -20.62 13.19
N ASN B 146 4.94 -19.78 12.61
CA ASN B 146 3.55 -19.80 13.04
C ASN B 146 2.48 -19.47 12.01
N TRP B 147 2.76 -18.50 11.13
CA TRP B 147 1.78 -18.08 10.14
C TRP B 147 1.29 -19.10 9.11
N LYS B 148 2.21 -19.85 8.50
CA LYS B 148 1.79 -20.83 7.52
C LYS B 148 0.84 -21.85 8.13
N GLU B 149 1.29 -22.48 9.20
CA GLU B 149 0.51 -23.49 9.91
C GLU B 149 -0.90 -23.04 10.27
N HIS B 150 -1.03 -21.85 10.84
CA HIS B 150 -2.35 -21.33 11.23
C HIS B 150 -2.97 -20.46 10.15
N ASN B 151 -2.59 -20.74 8.91
CA ASN B 151 -3.08 -20.02 7.74
C ASN B 151 -3.39 -18.54 7.90
N ARG B 152 -2.36 -17.77 8.25
CA ARG B 152 -2.50 -16.33 8.40
C ARG B 152 -1.61 -15.69 7.34
N SER B 153 -1.98 -14.50 6.87
CA SER B 153 -1.19 -13.81 5.85
C SER B 153 -1.49 -12.33 5.84
N TRP B 154 -0.63 -11.57 5.17
CA TRP B 154 -0.81 -10.14 5.07
C TRP B 154 -2.02 -9.79 4.23
N ASP B 155 -2.35 -10.65 3.27
CA ASP B 155 -3.51 -10.41 2.41
C ASP B 155 -4.78 -10.54 3.26
N ASP B 156 -4.82 -11.59 4.07
CA ASP B 156 -5.98 -11.80 4.92
C ASP B 156 -6.02 -10.69 5.97
N PHE B 157 -4.83 -10.34 6.47
CA PHE B 157 -4.71 -9.26 7.45
C PHE B 157 -5.35 -8.01 6.86
N THR B 159 -7.52 -7.80 4.42
CA THR B 159 -8.94 -8.00 4.22
C THR B 159 -9.73 -7.68 5.48
N LEU B 160 -9.27 -8.19 6.61
CA LEU B 160 -9.94 -7.96 7.89
C LEU B 160 -9.70 -6.55 8.40
N GLY B 161 -8.50 -6.04 8.17
CA GLY B 161 -8.17 -4.69 8.61
C GLY B 161 -9.03 -3.62 7.99
N LYS B 162 -9.34 -3.77 6.71
CA LYS B 162 -10.16 -2.80 6.00
C LYS B 162 -11.55 -2.75 6.62
N GLN B 163 -12.15 -3.91 6.79
CA GLN B 163 -13.49 -4.01 7.38
C GLN B 163 -13.51 -3.41 8.77
N LYS B 165 -11.41 -1.16 9.98
CA LYS B 165 -11.12 0.27 9.92
C LYS B 165 -12.40 1.02 9.59
N GLU B 166 -13.28 0.35 8.86
CA GLU B 166 -14.56 0.91 8.46
C GLU B 166 -15.52 1.09 9.63
N ASP B 167 -15.50 0.14 10.56
CA ASP B 167 -16.39 0.22 11.72
C ASP B 167 -16.03 1.37 12.64
N TYR B 168 -14.75 1.71 12.73
CA TYR B 168 -14.33 2.80 13.59
C TYR B 168 -14.33 4.11 12.82
N GLU B 169 -14.53 4.02 11.51
CA GLU B 169 -14.57 5.20 10.65
C GLU B 169 -15.99 5.76 10.56
N SER C 18 -22.27 15.09 -12.22
CA SER C 18 -20.84 14.73 -12.03
C SER C 18 -20.45 14.60 -10.55
N SER C 19 -19.31 15.19 -10.18
CA SER C 19 -18.79 15.10 -8.83
C SER C 19 -18.34 13.65 -8.70
N ILE C 20 -18.98 12.79 -9.49
CA ILE C 20 -18.67 11.37 -9.49
C ILE C 20 -17.26 11.13 -10.06
N GLY C 21 -16.87 11.92 -11.04
CA GLY C 21 -15.54 11.77 -11.62
C GLY C 21 -14.47 12.06 -10.60
N TYR C 22 -14.73 13.05 -9.75
CA TYR C 22 -13.75 13.41 -8.73
C TYR C 22 -13.58 12.29 -7.71
N GLU C 23 -14.67 11.66 -7.31
CA GLU C 23 -14.55 10.59 -6.32
C GLU C 23 -14.02 9.31 -6.97
N ILE C 24 -14.39 9.06 -8.22
CA ILE C 24 -13.85 7.88 -8.88
C ILE C 24 -12.34 8.11 -9.02
N GLY C 25 -11.97 9.35 -9.35
CA GLY C 25 -10.57 9.69 -9.51
C GLY C 25 -9.76 9.56 -8.24
N SER C 26 -10.36 9.93 -7.12
CA SER C 26 -9.69 9.84 -5.83
C SER C 26 -9.34 8.39 -5.53
N LYS C 27 -10.25 7.48 -5.85
CA LYS C 27 -10.02 6.07 -5.61
C LYS C 27 -8.96 5.53 -6.56
N LEU C 28 -9.02 5.93 -7.84
CA LEU C 28 -8.06 5.47 -8.83
C LEU C 28 -6.66 5.89 -8.43
N ALA C 29 -6.53 7.12 -7.94
CA ALA C 29 -5.24 7.66 -7.53
C ALA C 29 -4.65 6.88 -6.35
N ALA C 30 -5.50 6.50 -5.39
CA ALA C 30 -5.02 5.72 -4.24
C ALA C 30 -4.55 4.36 -4.75
N CYS C 32 -3.59 3.66 -7.69
CA CYS C 32 -2.40 3.92 -8.50
C CYS C 32 -1.16 4.09 -7.62
N ASP C 33 -1.29 4.85 -6.54
CA ASP C 33 -0.17 5.06 -5.64
C ASP C 33 0.22 3.78 -4.93
N ASP C 34 -0.76 2.94 -4.62
CA ASP C 34 -0.46 1.67 -3.98
C ASP C 34 0.34 0.82 -4.96
N PHE C 35 -0.03 0.83 -6.24
CA PHE C 35 0.70 0.04 -7.24
C PHE C 35 2.13 0.57 -7.39
N ASP C 36 2.26 1.90 -7.42
CA ASP C 36 3.57 2.53 -7.57
C ASP C 36 4.47 2.17 -6.39
N ALA C 37 3.93 2.27 -5.18
CA ALA C 37 4.70 1.95 -3.98
C ALA C 37 5.27 0.53 -4.09
N GLN C 38 4.43 -0.43 -4.47
CA GLN C 38 4.87 -1.81 -4.61
C GLN C 38 5.95 -1.96 -5.67
N SER C 41 9.40 -0.83 -4.92
CA SER C 41 10.11 -1.58 -3.89
C SER C 41 11.14 -2.54 -4.47
N TYR C 42 11.25 -2.57 -5.81
CA TYR C 42 12.23 -3.42 -6.46
C TYR C 42 13.48 -2.59 -6.69
N SER C 43 13.35 -1.30 -6.42
CA SER C 43 14.45 -0.36 -6.53
C SER C 43 15.07 -0.48 -5.15
N ALA C 44 14.77 -1.61 -4.52
CA ALA C 44 15.22 -1.93 -3.17
C ALA C 44 16.02 -3.23 -3.14
N HIS C 45 17.28 -3.16 -3.57
CA HIS C 45 18.14 -4.33 -3.56
C HIS C 45 19.50 -3.98 -2.97
N ALA C 46 20.55 -4.07 -3.79
CA ALA C 46 21.93 -3.74 -3.40
C ALA C 46 22.46 -4.50 -2.19
N SER D 18 12.70 -9.62 37.54
CA SER D 18 11.57 -8.88 36.90
C SER D 18 10.22 -9.02 37.66
N SER D 19 9.42 -9.94 37.16
CA SER D 19 8.02 -10.20 37.48
C SER D 19 7.14 -9.03 37.06
N ILE D 20 7.62 -7.92 36.83
CA ILE D 20 6.81 -6.83 36.26
C ILE D 20 6.53 -7.03 34.75
N GLY D 21 7.54 -7.53 34.05
CA GLY D 21 7.41 -7.78 32.63
C GLY D 21 6.39 -8.87 32.35
N TYR D 22 6.35 -9.89 33.20
CA TYR D 22 5.38 -10.98 33.00
C TYR D 22 3.97 -10.42 33.18
N GLU D 23 3.78 -9.66 34.25
CA GLU D 23 2.48 -9.07 34.57
C GLU D 23 1.96 -8.21 33.41
N ILE D 24 2.79 -7.27 32.97
CA ILE D 24 2.42 -6.40 31.86
C ILE D 24 2.20 -7.26 30.62
N GLY D 25 3.10 -8.21 30.41
CA GLY D 25 2.97 -9.08 29.25
C GLY D 25 1.67 -9.86 29.23
N SER D 26 1.22 -10.29 30.40
CA SER D 26 -0.02 -11.07 30.48
C SER D 26 -1.24 -10.22 30.14
N LYS D 27 -1.25 -8.98 30.59
CA LYS D 27 -2.37 -8.08 30.32
C LYS D 27 -2.36 -7.64 28.85
N LEU D 28 -1.17 -7.43 28.29
CA LEU D 28 -1.08 -7.02 26.90
C LEU D 28 -1.50 -8.20 26.02
N ALA D 29 -1.19 -9.42 26.48
CA ALA D 29 -1.57 -10.62 25.74
C ALA D 29 -3.10 -10.70 25.69
N ALA D 30 -3.75 -10.41 26.81
CA ALA D 30 -5.22 -10.46 26.91
C ALA D 30 -5.85 -9.40 26.00
N CYS D 32 -4.50 -8.11 23.38
CA CYS D 32 -4.22 -8.53 22.01
C CYS D 32 -5.16 -9.63 21.55
N ASP D 33 -5.44 -10.58 22.43
CA ASP D 33 -6.34 -11.67 22.07
C ASP D 33 -7.75 -11.13 21.85
N ASP D 34 -8.15 -10.11 22.59
CA ASP D 34 -9.49 -9.54 22.39
C ASP D 34 -9.52 -8.80 21.06
N PHE D 35 -8.43 -8.13 20.72
CA PHE D 35 -8.36 -7.40 19.46
C PHE D 35 -8.48 -8.39 18.32
N ASP D 36 -7.72 -9.49 18.40
CA ASP D 36 -7.75 -10.51 17.37
C ASP D 36 -9.15 -11.10 17.18
N ALA D 37 -9.81 -11.41 18.28
CA ALA D 37 -11.17 -11.96 18.22
C ALA D 37 -12.07 -10.99 17.48
N GLN D 38 -11.92 -9.70 17.79
CA GLN D 38 -12.72 -8.68 17.14
C GLN D 38 -12.43 -8.69 15.63
N SER D 41 -13.99 -11.53 13.73
CA SER D 41 -15.44 -11.42 13.57
C SER D 41 -15.73 -10.70 12.27
N TYR D 42 -14.77 -10.70 11.35
CA TYR D 42 -15.00 -10.03 10.09
C TYR D 42 -15.13 -10.89 8.85
N SER D 43 -14.93 -12.18 8.99
CA SER D 43 -15.14 -13.07 7.85
C SER D 43 -16.67 -13.03 7.81
N ALA D 44 -17.20 -11.95 7.22
CA ALA D 44 -18.64 -11.72 7.17
C ALA D 44 -19.12 -11.17 5.83
#